data_7NMH
#
_entry.id   7NMH
#
_cell.length_a   82.837
_cell.length_b   112.262
_cell.length_c   62.545
_cell.angle_alpha   90.000
_cell.angle_beta   90.000
_cell.angle_gamma   90.000
#
_symmetry.space_group_name_H-M   'C 2 2 21'
#
loop_
_entity.id
_entity.type
_entity.pdbx_description
1 polymer '14-3-3 protein sigma'
2 polymer 'Transcription factor p65'
3 non-polymer GLYCEROL
4 non-polymer 'CALCIUM ION'
5 non-polymer '(5-methanoyl-2-nitro-phenyl) methanesulfonate'
6 non-polymer 'CHLORIDE ION'
7 non-polymer DI(HYDROXYETHYL)ETHER
8 water water
#
loop_
_entity_poly.entity_id
_entity_poly.type
_entity_poly.pdbx_seq_one_letter_code
_entity_poly.pdbx_strand_id
1 'polypeptide(L)'
;GAMGSMERASLIQKAKLAEQAERYEDMAAFMKGAVEKGEELS(CSO)EERNLLSVAYKNVVGGQRAAWRVLSSIEQKSNE
EGSEEKGPEVREYREKVETELQGVCDTVLGLLDSHLIKEAGDAESRVFYLKMKGDYYRYLAEVATGDDKKRIIDSARSAY
QEAMDISKKEMPPTNPIRLGLALNFSVFHYEIANSPEEAISLAKTTFDEAMADLHTLSEDSYKDSTLIMQLLRDNLTLWT
ADNAGEEGGEAPQEPQS
;
A
2 'polypeptide(L)' EGRSAG(SEP)IPGRRS P
#
loop_
_chem_comp.id
_chem_comp.type
_chem_comp.name
_chem_comp.formula
CA non-polymer 'CALCIUM ION' 'Ca 2'
CL non-polymer 'CHLORIDE ION' 'Cl -1'
GOL non-polymer GLYCEROL 'C3 H8 O3'
PEG non-polymer DI(HYDROXYETHYL)ETHER 'C4 H10 O3'
UHZ non-polymer '(5-methanoyl-2-nitro-phenyl) methanesulfonate' 'C8 H7 N O6 S'
#
# COMPACT_ATOMS: atom_id res chain seq x y z
N GLY A 1 1.66 14.66 -19.38
CA GLY A 1 2.69 13.69 -19.08
C GLY A 1 4.10 14.14 -19.39
N ALA A 2 4.88 14.43 -18.35
CA ALA A 2 6.26 14.86 -18.53
C ALA A 2 7.16 13.72 -18.99
N MET A 3 6.74 12.47 -18.78
CA MET A 3 7.47 11.31 -19.24
C MET A 3 7.01 10.84 -20.60
N GLY A 4 6.17 11.63 -21.28
CA GLY A 4 5.52 11.18 -22.49
C GLY A 4 6.47 10.91 -23.65
N SER A 5 7.64 11.53 -23.65
N SER A 5 7.65 11.53 -23.65
CA SER A 5 8.58 11.33 -24.76
CA SER A 5 8.60 11.35 -24.73
C SER A 5 9.54 10.17 -24.53
C SER A 5 9.51 10.14 -24.54
N MET A 6 9.52 9.54 -23.35
CA MET A 6 10.42 8.44 -23.08
C MET A 6 9.75 7.09 -23.36
N GLU A 7 10.51 6.17 -23.97
CA GLU A 7 10.01 4.83 -24.21
C GLU A 7 9.58 4.15 -22.92
N ARG A 8 8.51 3.36 -23.02
CA ARG A 8 8.06 2.56 -21.88
C ARG A 8 9.20 1.74 -21.29
N ALA A 9 9.96 1.04 -22.13
CA ALA A 9 11.00 0.17 -21.60
C ALA A 9 12.09 0.98 -20.92
N SER A 10 12.35 2.20 -21.41
CA SER A 10 13.36 3.05 -20.78
C SER A 10 12.89 3.55 -19.43
N LEU A 11 11.59 3.88 -19.31
CA LEU A 11 11.05 4.28 -18.02
C LEU A 11 11.17 3.14 -17.01
N ILE A 12 10.91 1.91 -17.44
CA ILE A 12 11.04 0.77 -16.53
C ILE A 12 12.50 0.55 -16.13
N GLN A 13 13.42 0.61 -17.10
CA GLN A 13 14.85 0.51 -16.81
C GLN A 13 15.29 1.57 -15.81
N LYS A 14 14.87 2.82 -16.04
CA LYS A 14 15.27 3.91 -15.14
C LYS A 14 14.61 3.76 -13.77
N ALA A 15 13.39 3.22 -13.70
CA ALA A 15 12.81 2.98 -12.38
C ALA A 15 13.67 1.99 -11.59
N LYS A 16 14.20 0.97 -12.28
CA LYS A 16 15.06 0.02 -11.58
C LYS A 16 16.37 0.66 -11.14
N LEU A 17 16.95 1.51 -11.99
CA LEU A 17 18.15 2.25 -11.59
C LEU A 17 17.86 3.16 -10.41
N ALA A 18 16.70 3.85 -10.44
CA ALA A 18 16.36 4.77 -9.37
C ALA A 18 16.20 4.02 -8.06
N GLU A 19 15.62 2.82 -8.09
CA GLU A 19 15.56 2.02 -6.86
C GLU A 19 16.95 1.72 -6.32
N GLN A 20 17.88 1.31 -7.20
CA GLN A 20 19.23 1.02 -6.75
C GLN A 20 19.90 2.26 -6.15
N ALA A 21 19.61 3.44 -6.70
CA ALA A 21 20.17 4.69 -6.22
C ALA A 21 19.40 5.28 -5.06
N GLU A 22 18.33 4.60 -4.63
CA GLU A 22 17.45 5.08 -3.55
C GLU A 22 16.84 6.44 -3.87
N ARG A 23 16.51 6.65 -5.14
CA ARG A 23 15.88 7.88 -5.61
C ARG A 23 14.41 7.54 -5.87
N TYR A 24 13.65 7.50 -4.78
CA TYR A 24 12.30 6.96 -4.85
C TYR A 24 11.30 7.91 -5.50
N GLU A 25 11.49 9.23 -5.34
N GLU A 25 11.49 9.23 -5.34
CA GLU A 25 10.65 10.17 -6.07
CA GLU A 25 10.66 10.17 -6.08
C GLU A 25 10.84 10.01 -7.58
C GLU A 25 10.84 9.99 -7.58
N ASP A 26 12.10 9.88 -8.02
CA ASP A 26 12.36 9.58 -9.44
C ASP A 26 11.71 8.26 -9.84
N MET A 27 11.92 7.21 -9.04
CA MET A 27 11.31 5.91 -9.32
C MET A 27 9.82 6.07 -9.58
N ALA A 28 9.13 6.78 -8.67
CA ALA A 28 7.67 6.92 -8.77
C ALA A 28 7.30 7.65 -10.05
N ALA A 29 8.03 8.70 -10.39
CA ALA A 29 7.74 9.45 -11.60
C ALA A 29 7.95 8.59 -12.84
N PHE A 30 9.01 7.77 -12.84
CA PHE A 30 9.24 6.88 -13.97
C PHE A 30 8.11 5.86 -14.09
N MET A 31 7.67 5.31 -12.95
CA MET A 31 6.63 4.29 -13.03
C MET A 31 5.28 4.90 -13.38
N LYS A 32 5.00 6.12 -12.90
CA LYS A 32 3.81 6.83 -13.36
C LYS A 32 3.81 7.01 -14.87
N GLY A 33 4.97 7.41 -15.41
CA GLY A 33 5.10 7.52 -16.86
C GLY A 33 4.84 6.22 -17.56
N ALA A 34 5.35 5.10 -17.01
CA ALA A 34 5.12 3.80 -17.62
C ALA A 34 3.63 3.42 -17.58
N VAL A 35 2.96 3.66 -16.45
CA VAL A 35 1.53 3.37 -16.39
C VAL A 35 0.79 4.18 -17.44
N GLU A 36 1.15 5.46 -17.59
CA GLU A 36 0.44 6.34 -18.51
C GLU A 36 0.66 5.97 -19.98
N LYS A 37 1.58 5.05 -20.28
CA LYS A 37 1.66 4.52 -21.64
C LYS A 37 0.41 3.74 -22.01
N GLY A 38 -0.37 3.28 -21.04
CA GLY A 38 -1.65 2.68 -21.34
C GLY A 38 -1.65 1.16 -21.42
N GLU A 39 -0.50 0.51 -21.38
N GLU A 39 -0.49 0.51 -21.37
CA GLU A 39 -0.44 -0.93 -21.38
CA GLU A 39 -0.42 -0.94 -21.38
C GLU A 39 -0.59 -1.47 -19.95
C GLU A 39 -0.55 -1.48 -19.95
N GLU A 40 -1.08 -2.69 -19.84
CA GLU A 40 -1.11 -3.37 -18.54
C GLU A 40 0.32 -3.56 -18.03
N LEU A 41 0.45 -3.72 -16.71
CA LEU A 41 1.74 -3.93 -16.07
C LEU A 41 1.93 -5.41 -15.76
N SER A 42 3.15 -5.89 -15.97
CA SER A 42 3.51 -7.23 -15.58
C SER A 42 3.64 -7.32 -14.05
N CSO A 43 3.82 -8.52 -13.54
CA CSO A 43 3.98 -8.73 -12.11
CB CSO A 43 4.20 -10.23 -11.87
SG CSO A 43 4.50 -10.64 -10.14
C CSO A 43 5.17 -7.89 -11.57
O CSO A 43 5.03 -7.20 -10.55
OD CSO A 43 6.23 -10.46 -9.78
N GLU A 44 6.30 -7.96 -12.25
CA GLU A 44 7.48 -7.22 -11.82
C GLU A 44 7.23 -5.71 -11.85
N GLU A 45 6.55 -5.25 -12.91
CA GLU A 45 6.29 -3.82 -13.05
C GLU A 45 5.31 -3.33 -11.98
N ARG A 46 4.29 -4.14 -11.65
CA ARG A 46 3.41 -3.76 -10.54
C ARG A 46 4.21 -3.60 -9.25
N ASN A 47 5.15 -4.51 -9.01
CA ASN A 47 5.97 -4.41 -7.80
C ASN A 47 6.79 -3.12 -7.82
N LEU A 48 7.36 -2.75 -8.98
CA LEU A 48 8.12 -1.51 -9.06
C LEU A 48 7.25 -0.30 -8.74
N LEU A 49 6.03 -0.26 -9.30
CA LEU A 49 5.10 0.83 -9.02
C LEU A 49 4.82 0.92 -7.52
N SER A 50 4.52 -0.22 -6.91
CA SER A 50 4.18 -0.25 -5.50
C SER A 50 5.35 0.17 -4.62
N VAL A 51 6.53 -0.36 -4.91
CA VAL A 51 7.71 -0.03 -4.09
C VAL A 51 8.01 1.46 -4.17
N ALA A 52 7.90 2.03 -5.36
CA ALA A 52 8.23 3.44 -5.54
C ALA A 52 7.33 4.32 -4.70
N TYR A 53 6.02 4.16 -4.85
CA TYR A 53 5.10 5.00 -4.12
C TYR A 53 5.08 4.69 -2.63
N LYS A 54 5.35 3.44 -2.25
CA LYS A 54 5.36 3.13 -0.82
C LYS A 54 6.51 3.86 -0.12
N ASN A 55 7.64 3.98 -0.80
CA ASN A 55 8.76 4.72 -0.25
C ASN A 55 8.47 6.21 -0.19
N VAL A 56 7.89 6.76 -1.25
CA VAL A 56 7.57 8.19 -1.25
C VAL A 56 6.61 8.52 -0.12
N VAL A 57 5.47 7.82 -0.08
N VAL A 57 5.45 7.83 -0.09
CA VAL A 57 4.46 8.11 0.94
CA VAL A 57 4.48 8.11 0.95
C VAL A 57 4.95 7.71 2.32
C VAL A 57 5.04 7.78 2.32
N GLY A 58 5.84 6.71 2.42
CA GLY A 58 6.39 6.34 3.72
C GLY A 58 7.20 7.47 4.33
N GLY A 59 8.00 8.15 3.52
CA GLY A 59 8.72 9.32 4.02
C GLY A 59 7.78 10.43 4.44
N GLN A 60 6.73 10.69 3.64
CA GLN A 60 5.79 11.74 4.01
C GLN A 60 5.06 11.41 5.30
N ARG A 61 4.64 10.14 5.46
CA ARG A 61 3.92 9.73 6.65
C ARG A 61 4.78 9.87 7.89
N ALA A 62 6.05 9.48 7.79
CA ALA A 62 6.95 9.60 8.93
C ALA A 62 7.13 11.06 9.31
N ALA A 63 7.29 11.94 8.32
CA ALA A 63 7.42 13.37 8.61
C ALA A 63 6.13 13.93 9.19
N TRP A 64 4.98 13.55 8.62
CA TRP A 64 3.70 14.00 9.17
C TRP A 64 3.54 13.59 10.63
N ARG A 65 3.96 12.37 10.97
CA ARG A 65 3.83 11.94 12.36
C ARG A 65 4.73 12.75 13.29
N VAL A 66 5.96 13.05 12.85
CA VAL A 66 6.85 13.88 13.67
C VAL A 66 6.21 15.24 13.91
N LEU A 67 5.72 15.87 12.84
CA LEU A 67 5.18 17.22 12.97
C LEU A 67 3.86 17.23 13.75
N SER A 68 3.00 16.24 13.52
N SER A 68 2.99 16.25 13.51
CA SER A 68 1.76 16.14 14.27
CA SER A 68 1.76 16.16 14.29
C SER A 68 2.03 15.98 15.76
C SER A 68 2.05 16.02 15.77
N SER A 69 3.08 15.24 16.13
CA SER A 69 3.42 15.05 17.53
C SER A 69 3.91 16.35 18.15
N ILE A 70 4.77 17.08 17.45
CA ILE A 70 5.21 18.39 17.92
C ILE A 70 4.02 19.33 18.07
N GLU A 71 3.11 19.30 17.09
CA GLU A 71 1.93 20.17 17.12
C GLU A 71 1.04 19.85 18.30
N GLN A 72 0.82 18.56 18.57
CA GLN A 72 -0.04 18.18 19.69
C GLN A 72 0.58 18.58 21.02
N LYS A 73 1.90 18.44 21.16
CA LYS A 73 2.56 18.89 22.37
C LYS A 73 2.40 20.39 22.55
N SER A 74 2.50 21.16 21.47
CA SER A 74 2.33 22.61 21.55
C SER A 74 0.91 23.02 21.92
N ASN A 75 -0.06 22.11 21.80
CA ASN A 75 -1.45 22.41 22.15
C ASN A 75 -1.83 21.85 23.53
N GLU A 76 -0.86 21.69 24.41
CA GLU A 76 -1.12 21.14 25.74
C GLU A 76 -1.09 22.22 26.81
N GLY A 83 3.53 30.14 17.81
CA GLY A 83 3.11 30.70 16.53
C GLY A 83 2.47 29.67 15.61
N PRO A 84 2.12 30.09 14.39
CA PRO A 84 1.44 29.18 13.46
C PRO A 84 2.35 28.22 12.74
N GLU A 85 3.67 28.25 12.97
CA GLU A 85 4.61 27.59 12.06
C GLU A 85 4.46 26.08 12.07
N VAL A 86 4.29 25.47 13.25
CA VAL A 86 4.22 24.01 13.30
C VAL A 86 2.99 23.51 12.54
N ARG A 87 1.84 24.14 12.81
CA ARG A 87 0.62 23.78 12.09
C ARG A 87 0.78 24.04 10.60
N GLU A 88 1.36 25.18 10.23
CA GLU A 88 1.51 25.49 8.82
C GLU A 88 2.35 24.45 8.11
N TYR A 89 3.45 24.03 8.76
CA TYR A 89 4.35 23.08 8.11
C TYR A 89 3.74 21.68 8.10
N ARG A 90 3.06 21.28 9.17
CA ARG A 90 2.33 20.01 9.16
C ARG A 90 1.30 19.99 8.04
N GLU A 91 0.58 21.10 7.85
CA GLU A 91 -0.40 21.19 6.77
C GLU A 91 0.26 21.05 5.40
N LYS A 92 1.44 21.66 5.23
CA LYS A 92 2.12 21.56 3.94
C LYS A 92 2.48 20.12 3.65
N VAL A 93 3.07 19.43 4.63
CA VAL A 93 3.44 18.03 4.44
C VAL A 93 2.18 17.19 4.19
N GLU A 94 1.12 17.46 4.94
CA GLU A 94 -0.13 16.74 4.78
C GLU A 94 -0.69 16.89 3.36
N THR A 95 -0.66 18.12 2.84
CA THR A 95 -1.19 18.35 1.51
C THR A 95 -0.35 17.62 0.46
N GLU A 96 0.98 17.57 0.66
N GLU A 96 0.98 17.62 0.65
CA GLU A 96 1.83 16.87 -0.30
CA GLU A 96 1.84 16.89 -0.26
C GLU A 96 1.64 15.36 -0.21
C GLU A 96 1.50 15.40 -0.23
N LEU A 97 1.35 14.85 0.98
CA LEU A 97 1.01 13.43 1.12
C LEU A 97 -0.31 13.11 0.45
N GLN A 98 -1.34 13.94 0.69
CA GLN A 98 -2.62 13.73 0.04
C GLN A 98 -2.47 13.78 -1.47
N GLY A 99 -1.60 14.64 -1.97
CA GLY A 99 -1.41 14.71 -3.41
C GLY A 99 -0.81 13.44 -3.97
N VAL A 100 0.15 12.84 -3.26
CA VAL A 100 0.72 11.59 -3.75
C VAL A 100 -0.33 10.47 -3.70
N CYS A 101 -1.11 10.38 -2.61
CA CYS A 101 -2.15 9.36 -2.54
C CYS A 101 -3.16 9.54 -3.67
N ASP A 102 -3.56 10.78 -3.94
CA ASP A 102 -4.51 11.05 -5.02
C ASP A 102 -3.92 10.66 -6.38
N THR A 103 -2.62 10.85 -6.55
CA THR A 103 -1.98 10.46 -7.80
C THR A 103 -2.03 8.94 -7.99
N VAL A 104 -1.67 8.19 -6.94
CA VAL A 104 -1.72 6.73 -6.99
C VAL A 104 -3.14 6.26 -7.27
N LEU A 105 -4.11 6.79 -6.50
CA LEU A 105 -5.49 6.40 -6.70
C LEU A 105 -5.96 6.74 -8.11
N GLY A 106 -5.48 7.85 -8.67
CA GLY A 106 -5.84 8.20 -10.03
C GLY A 106 -5.29 7.22 -11.04
N LEU A 107 -4.06 6.74 -10.84
CA LEU A 107 -3.53 5.73 -11.75
C LEU A 107 -4.33 4.44 -11.65
N LEU A 108 -4.68 4.05 -10.44
CA LEU A 108 -5.47 2.83 -10.28
C LEU A 108 -6.83 2.97 -10.96
N ASP A 109 -7.42 4.17 -10.90
CA ASP A 109 -8.72 4.41 -11.49
C ASP A 109 -8.64 4.68 -12.99
N SER A 110 -7.47 5.06 -13.51
CA SER A 110 -7.33 5.42 -14.92
C SER A 110 -6.02 4.86 -15.49
N HIS A 111 -5.99 3.57 -15.83
CA HIS A 111 -7.15 2.67 -15.85
C HIS A 111 -6.71 1.27 -15.42
N LEU A 112 -5.82 1.21 -14.42
CA LEU A 112 -5.21 -0.07 -14.06
C LEU A 112 -6.25 -1.08 -13.58
N ILE A 113 -7.15 -0.69 -12.67
CA ILE A 113 -8.08 -1.66 -12.10
C ILE A 113 -9.05 -2.17 -13.15
N LYS A 114 -9.60 -1.28 -13.97
CA LYS A 114 -10.61 -1.72 -14.93
C LYS A 114 -10.03 -2.69 -15.97
N GLU A 115 -8.73 -2.63 -16.23
CA GLU A 115 -8.15 -3.56 -17.20
C GLU A 115 -7.59 -4.83 -16.56
N ALA A 116 -7.59 -4.92 -15.22
CA ALA A 116 -6.98 -6.04 -14.52
C ALA A 116 -7.99 -7.17 -14.40
N GLY A 117 -7.81 -8.22 -15.19
CA GLY A 117 -8.75 -9.33 -15.21
C GLY A 117 -8.28 -10.55 -14.44
N ASP A 118 -6.98 -10.74 -14.33
CA ASP A 118 -6.47 -11.87 -13.57
C ASP A 118 -6.51 -11.57 -12.09
N ALA A 119 -6.69 -12.61 -11.29
CA ALA A 119 -6.77 -12.43 -9.84
C ALA A 119 -5.52 -11.76 -9.28
N GLU A 120 -4.34 -12.16 -9.75
CA GLU A 120 -3.12 -11.61 -9.18
C GLU A 120 -3.04 -10.10 -9.39
N SER A 121 -3.38 -9.63 -10.59
N SER A 121 -3.37 -9.63 -10.59
CA SER A 121 -3.31 -8.19 -10.84
CA SER A 121 -3.32 -8.20 -10.86
C SER A 121 -4.43 -7.44 -10.15
C SER A 121 -4.43 -7.46 -10.13
N ARG A 122 -5.66 -7.97 -10.23
CA ARG A 122 -6.79 -7.26 -9.63
C ARG A 122 -6.67 -7.17 -8.11
N VAL A 123 -6.30 -8.28 -7.46
CA VAL A 123 -6.07 -8.23 -6.01
C VAL A 123 -4.96 -7.24 -5.67
N PHE A 124 -3.85 -7.28 -6.42
CA PHE A 124 -2.74 -6.36 -6.16
C PHE A 124 -3.21 -4.91 -6.19
N TYR A 125 -3.97 -4.52 -7.22
CA TYR A 125 -4.36 -3.12 -7.37
C TYR A 125 -5.42 -2.73 -6.34
N LEU A 126 -6.34 -3.64 -6.01
CA LEU A 126 -7.34 -3.31 -5.00
C LEU A 126 -6.70 -3.20 -3.62
N LYS A 127 -5.68 -4.02 -3.33
CA LYS A 127 -4.93 -3.84 -2.10
C LYS A 127 -4.25 -2.46 -2.07
N MET A 128 -3.61 -2.07 -3.18
CA MET A 128 -3.05 -0.71 -3.23
C MET A 128 -4.11 0.35 -3.00
N LYS A 129 -5.28 0.20 -3.61
CA LYS A 129 -6.35 1.17 -3.43
C LYS A 129 -6.72 1.28 -1.95
N GLY A 130 -6.85 0.14 -1.27
CA GLY A 130 -7.12 0.16 0.16
C GLY A 130 -6.01 0.84 0.95
N ASP A 131 -4.76 0.53 0.60
CA ASP A 131 -3.62 1.12 1.30
C ASP A 131 -3.61 2.64 1.16
N TYR A 132 -3.85 3.15 -0.04
CA TYR A 132 -3.73 4.60 -0.24
C TYR A 132 -4.93 5.36 0.33
N TYR A 133 -6.12 4.75 0.34
CA TYR A 133 -7.19 5.35 1.12
C TYR A 133 -6.88 5.29 2.61
N ARG A 134 -6.21 4.20 3.05
CA ARG A 134 -5.84 4.12 4.46
C ARG A 134 -4.88 5.25 4.84
N TYR A 135 -3.92 5.57 3.97
CA TYR A 135 -3.00 6.67 4.25
C TYR A 135 -3.74 8.00 4.28
N LEU A 136 -4.70 8.20 3.37
CA LEU A 136 -5.56 9.38 3.48
C LEU A 136 -6.32 9.39 4.80
N ALA A 137 -6.81 8.23 5.24
CA ALA A 137 -7.58 8.18 6.49
C ALA A 137 -6.73 8.57 7.70
N GLU A 138 -5.44 8.25 7.66
CA GLU A 138 -4.56 8.53 8.79
C GLU A 138 -4.48 10.03 9.08
N VAL A 139 -4.67 10.87 8.07
CA VAL A 139 -4.58 12.32 8.24
C VAL A 139 -5.94 13.02 8.13
N ALA A 140 -7.01 12.29 7.86
CA ALA A 140 -8.30 12.90 7.63
C ALA A 140 -8.95 13.27 8.95
N THR A 141 -9.70 14.37 8.94
CA THR A 141 -10.40 14.82 10.14
C THR A 141 -11.92 14.89 9.96
N GLY A 142 -12.44 15.73 9.09
CA GLY A 142 -13.86 16.08 9.12
C GLY A 142 -14.59 15.96 7.81
N ASP A 143 -15.85 15.52 7.91
CA ASP A 143 -16.83 15.49 6.82
C ASP A 143 -16.65 14.32 5.88
N ASP A 144 -15.42 14.05 5.45
CA ASP A 144 -15.14 12.93 4.56
C ASP A 144 -14.27 11.85 5.20
N LYS A 145 -13.86 12.02 6.45
CA LYS A 145 -13.08 10.96 7.11
C LYS A 145 -13.83 9.63 7.09
N LYS A 146 -15.13 9.66 7.38
CA LYS A 146 -15.91 8.43 7.30
C LYS A 146 -15.95 7.88 5.87
N ARG A 147 -16.09 8.76 4.88
CA ARG A 147 -16.16 8.27 3.51
C ARG A 147 -14.82 7.71 3.05
N ILE A 148 -13.71 8.36 3.45
CA ILE A 148 -12.38 7.81 3.16
C ILE A 148 -12.19 6.43 3.77
N ILE A 149 -12.57 6.28 5.04
CA ILE A 149 -12.46 4.98 5.71
C ILE A 149 -13.29 3.93 4.97
N ASP A 150 -14.50 4.29 4.55
CA ASP A 150 -15.32 3.30 3.86
C ASP A 150 -14.74 2.94 2.49
N SER A 151 -14.10 3.91 1.82
CA SER A 151 -13.44 3.60 0.56
C SER A 151 -12.29 2.63 0.76
N ALA A 152 -11.51 2.79 1.83
CA ALA A 152 -10.44 1.83 2.12
C ALA A 152 -11.04 0.45 2.40
N ARG A 153 -12.05 0.41 3.27
N ARG A 153 -12.05 0.41 3.27
CA ARG A 153 -12.70 -0.85 3.62
CA ARG A 153 -12.69 -0.86 3.61
C ARG A 153 -13.25 -1.55 2.39
C ARG A 153 -13.25 -1.56 2.38
N SER A 154 -13.95 -0.81 1.52
CA SER A 154 -14.55 -1.40 0.34
C SER A 154 -13.51 -1.99 -0.59
N ALA A 155 -12.40 -1.30 -0.79
CA ALA A 155 -11.36 -1.82 -1.68
C ALA A 155 -10.73 -3.08 -1.10
N TYR A 156 -10.37 -3.04 0.19
CA TYR A 156 -9.81 -4.23 0.84
C TYR A 156 -10.79 -5.39 0.79
N GLN A 157 -12.09 -5.11 0.98
CA GLN A 157 -13.06 -6.18 1.03
C GLN A 157 -13.21 -6.87 -0.31
N GLU A 158 -13.25 -6.09 -1.39
CA GLU A 158 -13.31 -6.70 -2.71
C GLU A 158 -12.06 -7.52 -2.98
N ALA A 159 -10.89 -6.99 -2.62
CA ALA A 159 -9.65 -7.75 -2.79
C ALA A 159 -9.70 -9.04 -1.99
N MET A 160 -10.23 -8.99 -0.76
CA MET A 160 -10.29 -10.18 0.06
C MET A 160 -11.22 -11.22 -0.56
N ASP A 161 -12.36 -10.78 -1.08
CA ASP A 161 -13.32 -11.72 -1.67
C ASP A 161 -12.71 -12.43 -2.86
N ILE A 162 -12.01 -11.69 -3.73
CA ILE A 162 -11.38 -12.32 -4.88
C ILE A 162 -10.27 -13.27 -4.42
N SER A 163 -9.45 -12.82 -3.46
CA SER A 163 -8.28 -13.61 -3.07
C SER A 163 -8.71 -14.92 -2.41
N LYS A 164 -9.81 -14.90 -1.66
CA LYS A 164 -10.26 -16.13 -1.01
C LYS A 164 -10.79 -17.13 -2.04
N LYS A 165 -11.37 -16.65 -3.13
CA LYS A 165 -11.89 -17.53 -4.16
C LYS A 165 -10.81 -18.00 -5.13
N GLU A 166 -9.78 -17.18 -5.37
CA GLU A 166 -8.89 -17.40 -6.50
C GLU A 166 -7.44 -17.72 -6.15
N MET A 167 -7.00 -17.53 -4.91
CA MET A 167 -5.62 -17.81 -4.56
C MET A 167 -5.53 -18.76 -3.38
N PRO A 168 -4.44 -19.53 -3.29
CA PRO A 168 -4.24 -20.38 -2.11
C PRO A 168 -3.96 -19.51 -0.90
N PRO A 169 -4.16 -20.05 0.31
CA PRO A 169 -4.00 -19.24 1.52
C PRO A 169 -2.58 -18.80 1.78
N THR A 170 -1.58 -19.38 1.10
CA THR A 170 -0.20 -18.99 1.29
C THR A 170 0.28 -17.98 0.26
N ASN A 171 -0.57 -17.60 -0.69
CA ASN A 171 -0.13 -16.68 -1.73
C ASN A 171 0.34 -15.37 -1.09
N PRO A 172 1.57 -14.91 -1.39
CA PRO A 172 2.09 -13.71 -0.69
C PRO A 172 1.23 -12.47 -0.83
N ILE A 173 0.57 -12.26 -1.97
CA ILE A 173 -0.28 -11.08 -2.10
C ILE A 173 -1.51 -11.24 -1.22
N ARG A 174 -2.11 -12.43 -1.21
CA ARG A 174 -3.22 -12.70 -0.31
C ARG A 174 -2.82 -12.49 1.15
N LEU A 175 -1.64 -12.94 1.53
CA LEU A 175 -1.13 -12.75 2.89
C LEU A 175 -0.91 -11.28 3.23
N GLY A 176 -0.24 -10.54 2.35
CA GLY A 176 -0.01 -9.14 2.62
C GLY A 176 -1.28 -8.32 2.64
N LEU A 177 -2.23 -8.67 1.78
CA LEU A 177 -3.55 -8.02 1.82
C LEU A 177 -4.22 -8.22 3.17
N ALA A 178 -4.25 -9.48 3.63
CA ALA A 178 -4.85 -9.76 4.93
C ALA A 178 -4.11 -9.02 6.04
N LEU A 179 -2.77 -9.02 6.00
CA LEU A 179 -1.99 -8.28 6.99
C LEU A 179 -2.42 -6.81 7.02
N ASN A 180 -2.46 -6.18 5.85
CA ASN A 180 -2.76 -4.74 5.79
C ASN A 180 -4.22 -4.45 6.14
N PHE A 181 -5.14 -5.34 5.76
CA PHE A 181 -6.53 -5.15 6.16
C PHE A 181 -6.67 -5.28 7.66
N SER A 182 -5.92 -6.21 8.28
CA SER A 182 -5.96 -6.32 9.73
C SER A 182 -5.42 -5.05 10.39
N VAL A 183 -4.38 -4.43 9.81
CA VAL A 183 -3.88 -3.16 10.34
C VAL A 183 -4.92 -2.07 10.17
N PHE A 184 -5.61 -2.06 9.03
CA PHE A 184 -6.73 -1.14 8.85
C PHE A 184 -7.74 -1.30 9.98
N HIS A 185 -8.11 -2.54 10.30
CA HIS A 185 -9.10 -2.75 11.36
C HIS A 185 -8.60 -2.22 12.69
N TYR A 186 -7.33 -2.47 13.00
CA TYR A 186 -6.77 -2.11 14.30
C TYR A 186 -6.57 -0.61 14.43
N GLU A 187 -5.97 0.01 13.41
CA GLU A 187 -5.48 1.38 13.50
C GLU A 187 -6.46 2.42 12.99
N ILE A 188 -7.35 2.06 12.07
CA ILE A 188 -8.23 3.01 11.41
C ILE A 188 -9.68 2.83 11.85
N ALA A 189 -10.17 1.59 11.81
CA ALA A 189 -11.58 1.30 12.02
C ALA A 189 -11.94 1.04 13.47
N ASN A 190 -10.97 1.13 14.39
CA ASN A 190 -11.23 0.91 15.82
C ASN A 190 -11.92 -0.44 16.05
N SER A 191 -11.43 -1.46 15.35
CA SER A 191 -11.97 -2.82 15.44
C SER A 191 -10.83 -3.79 15.76
N PRO A 192 -10.21 -3.66 16.94
CA PRO A 192 -9.09 -4.56 17.26
C PRO A 192 -9.46 -6.04 17.29
N GLU A 193 -10.67 -6.38 17.71
CA GLU A 193 -11.03 -7.80 17.70
C GLU A 193 -11.10 -8.35 16.28
N GLU A 194 -11.62 -7.55 15.35
CA GLU A 194 -11.65 -7.96 13.95
C GLU A 194 -10.24 -8.10 13.40
N ALA A 195 -9.35 -7.18 13.78
CA ALA A 195 -7.95 -7.26 13.35
C ALA A 195 -7.31 -8.55 13.84
N ILE A 196 -7.53 -8.89 15.11
CA ILE A 196 -6.90 -10.08 15.69
C ILE A 196 -7.48 -11.34 15.04
N SER A 197 -8.80 -11.38 14.88
CA SER A 197 -9.43 -12.55 14.28
C SER A 197 -8.95 -12.77 12.84
N LEU A 198 -8.86 -11.69 12.07
CA LEU A 198 -8.36 -11.82 10.71
C LEU A 198 -6.92 -12.31 10.68
N ALA A 199 -6.07 -11.74 11.54
CA ALA A 199 -4.66 -12.16 11.54
C ALA A 199 -4.52 -13.62 11.96
N LYS A 200 -5.29 -14.06 12.96
CA LYS A 200 -5.23 -15.44 13.43
C LYS A 200 -5.71 -16.40 12.35
N THR A 201 -6.88 -16.15 11.78
CA THR A 201 -7.40 -17.04 10.75
C THR A 201 -6.49 -17.09 9.53
N THR A 202 -5.95 -15.93 9.12
CA THR A 202 -5.03 -15.92 8.00
C THR A 202 -3.81 -16.76 8.29
N PHE A 203 -3.23 -16.59 9.48
CA PHE A 203 -2.02 -17.33 9.84
C PHE A 203 -2.29 -18.84 9.85
N ASP A 204 -3.40 -19.23 10.47
CA ASP A 204 -3.70 -20.66 10.62
C ASP A 204 -3.96 -21.30 9.26
N GLU A 205 -4.69 -20.62 8.38
CA GLU A 205 -4.96 -21.23 7.09
C GLU A 205 -3.71 -21.30 6.23
N ALA A 206 -2.81 -20.33 6.38
CA ALA A 206 -1.53 -20.40 5.68
C ALA A 206 -0.70 -21.56 6.21
N MET A 207 -0.61 -21.71 7.54
CA MET A 207 0.24 -22.76 8.09
C MET A 207 -0.18 -24.14 7.58
N ALA A 208 -1.49 -24.38 7.47
CA ALA A 208 -2.05 -25.64 6.99
C ALA A 208 -1.76 -25.91 5.52
N ASP A 209 -1.34 -24.89 4.78
CA ASP A 209 -1.06 -24.99 3.34
C ASP A 209 0.44 -24.99 3.01
N LEU A 210 1.29 -24.80 4.02
CA LEU A 210 2.72 -24.73 3.76
C LEU A 210 3.26 -26.03 3.17
N HIS A 211 2.62 -27.17 3.49
CA HIS A 211 3.13 -28.46 3.04
C HIS A 211 3.11 -28.58 1.52
N THR A 212 2.33 -27.75 0.82
CA THR A 212 2.21 -27.83 -0.63
C THR A 212 3.29 -27.06 -1.38
N LEU A 213 4.14 -26.33 -0.68
CA LEU A 213 5.01 -25.33 -1.28
C LEU A 213 6.42 -25.88 -1.48
N SER A 214 7.08 -25.34 -2.51
CA SER A 214 8.52 -25.50 -2.67
C SER A 214 9.26 -24.76 -1.57
N GLU A 215 10.57 -25.01 -1.50
CA GLU A 215 11.39 -24.35 -0.48
C GLU A 215 11.37 -22.83 -0.65
N ASP A 216 11.42 -22.33 -1.90
CA ASP A 216 11.43 -20.90 -2.10
C ASP A 216 10.07 -20.27 -1.78
N SER A 217 8.98 -20.93 -2.18
CA SER A 217 7.65 -20.42 -1.85
C SER A 217 7.41 -20.46 -0.35
N TYR A 218 7.86 -21.54 0.31
CA TYR A 218 7.77 -21.63 1.76
C TYR A 218 8.41 -20.43 2.43
N LYS A 219 9.60 -20.05 1.96
CA LYS A 219 10.29 -18.90 2.52
C LYS A 219 9.47 -17.61 2.30
N ASP A 220 8.92 -17.43 1.11
CA ASP A 220 8.13 -16.24 0.82
C ASP A 220 6.94 -16.15 1.76
N SER A 221 6.19 -17.26 1.90
CA SER A 221 4.98 -17.24 2.71
C SER A 221 5.27 -17.08 4.20
N THR A 222 6.26 -17.81 4.73
CA THR A 222 6.53 -17.73 6.15
C THR A 222 7.05 -16.37 6.55
N LEU A 223 7.72 -15.67 5.63
CA LEU A 223 8.18 -14.31 5.93
C LEU A 223 6.99 -13.42 6.30
N ILE A 224 5.93 -13.47 5.51
CA ILE A 224 4.77 -12.63 5.78
C ILE A 224 3.97 -13.16 6.96
N MET A 225 3.93 -14.49 7.13
CA MET A 225 3.28 -15.05 8.31
C MET A 225 3.90 -14.53 9.59
N GLN A 226 5.22 -14.33 9.58
CA GLN A 226 5.88 -13.81 10.77
C GLN A 226 5.41 -12.39 11.09
N LEU A 227 5.15 -11.59 10.06
CA LEU A 227 4.59 -10.26 10.29
C LEU A 227 3.20 -10.34 10.93
N LEU A 228 2.37 -11.30 10.50
CA LEU A 228 1.08 -11.50 11.15
C LEU A 228 1.29 -11.86 12.62
N ARG A 229 2.22 -12.79 12.89
CA ARG A 229 2.48 -13.19 14.27
C ARG A 229 3.02 -12.01 15.09
N ASP A 230 3.89 -11.19 14.49
CA ASP A 230 4.41 -10.03 15.19
C ASP A 230 3.30 -9.10 15.64
N ASN A 231 2.31 -8.87 14.77
CA ASN A 231 1.19 -8.01 15.14
C ASN A 231 0.37 -8.66 16.24
N LEU A 232 0.09 -9.95 16.12
CA LEU A 232 -0.69 -10.64 17.13
C LEU A 232 -0.01 -10.57 18.48
N THR A 233 1.32 -10.70 18.50
CA THR A 233 2.06 -10.54 19.76
C THR A 233 1.87 -9.15 20.34
N LEU A 234 1.86 -8.13 19.48
CA LEU A 234 1.68 -6.77 19.93
C LEU A 234 0.26 -6.51 20.40
N TRP A 235 -0.73 -7.19 19.81
CA TRP A 235 -2.13 -6.89 20.04
C TRP A 235 -2.76 -7.74 21.12
N THR A 236 -2.07 -8.79 21.58
CA THR A 236 -2.61 -9.69 22.58
C THR A 236 -1.64 -9.86 23.74
N ALA B 5 2.16 -1.68 15.35
CA ALA B 5 1.49 -2.56 14.40
C ALA B 5 2.01 -2.33 12.98
N GLY B 6 2.61 -3.36 12.40
CA GLY B 6 3.24 -3.21 11.11
C GLY B 6 2.46 -3.73 9.91
N SEP B 7 2.29 -2.88 8.91
CA SEP B 7 1.81 -3.32 7.60
CB SEP B 7 1.28 -2.11 6.83
OG SEP B 7 2.35 -1.19 6.67
C SEP B 7 2.98 -3.90 6.83
O SEP B 7 4.11 -3.90 7.33
P SEP B 7 1.93 0.28 6.20
O1P SEP B 7 3.32 1.05 6.00
O2P SEP B 7 1.05 0.99 7.32
O3P SEP B 7 1.17 0.17 4.81
N ILE B 8 2.72 -4.42 5.62
CA ILE B 8 3.79 -4.84 4.74
C ILE B 8 4.78 -3.71 4.53
N PRO B 9 6.06 -3.96 4.84
CA PRO B 9 7.09 -2.94 4.60
C PRO B 9 7.06 -2.47 3.16
N GLY B 10 7.26 -3.40 2.23
CA GLY B 10 7.02 -3.14 0.82
C GLY B 10 7.91 -2.06 0.22
N ARG B 11 9.10 -1.87 0.76
CA ARG B 11 9.99 -0.79 0.34
C ARG B 11 11.10 -1.26 -0.58
N ARG B 12 11.17 -2.54 -0.90
CA ARG B 12 12.26 -3.10 -1.68
C ARG B 12 11.68 -4.10 -2.67
N SER B 13 11.99 -3.93 -3.97
CA SER B 13 11.44 -4.81 -4.98
C SER B 13 12.08 -6.20 -4.88
C1 GOL C . 14.93 11.14 -4.92
O1 GOL C . 14.38 10.81 -6.18
C2 GOL C . 13.98 10.62 -3.81
O2 GOL C . 13.13 11.57 -3.37
C3 GOL C . 14.86 10.10 -2.69
O3 GOL C . 14.07 9.22 -1.96
CA CA D . -6.59 -7.28 -18.86
C03 UHZ E . 4.60 -8.81 -1.08
C04 UHZ E . 3.63 -9.08 -0.13
C05 UHZ E . 2.54 -8.21 0.01
C06 UHZ E . 2.44 -7.10 -0.77
C07 UHZ E . 3.42 -6.83 -1.72
C08 UHZ E . 4.51 -7.69 -1.88
C12 UHZ E . 8.23 -6.71 -3.27
C14 UHZ E . 1.27 -6.17 -0.61
N02 UHZ E . 5.73 -9.73 -1.22
O01 UHZ E . 5.67 -10.79 -0.80
O09 UHZ E . 5.51 -7.40 -2.86
O11 UHZ E . 6.81 -6.12 -0.99
O13 UHZ E . 6.21 -4.89 -2.89
O16 UHZ E . 6.93 -9.30 -1.87
S10 UHZ E . 6.65 -6.26 -2.48
CL CL F . 7.11 3.01 -27.89
C1 PEG G . 18.41 9.44 -2.61
O1 PEG G . 17.99 10.78 -2.46
C2 PEG G . 19.74 9.33 -3.26
O2 PEG G . 20.47 8.26 -2.66
C3 PEG G . 21.22 8.65 -1.53
C4 PEG G . 20.91 7.80 -0.35
O4 PEG G . 21.55 8.31 0.81
#